data_9GPQ
#
_entry.id   9GPQ
#
_cell.length_a   49.002
_cell.length_b   49.002
_cell.length_c   195.356
_cell.angle_alpha   90
_cell.angle_beta   90
_cell.angle_gamma   120
#
_symmetry.space_group_name_H-M   'P 32 2 1'
#
loop_
_entity.id
_entity.type
_entity.pdbx_description
1 polymer 'Peptidyl-prolyl cis-trans isomerase FKBP5'
2 non-polymer 3-cyclohexyl-19,20-dimethoxy-17-methyl-11,18-dioxa-1,17lambda5-diphospha-19lambda5-stannapentacyclo[17.3.1.04,9.04,13.015,20]tricosane-2,10-quinone
3 water water
#
_entity_poly.entity_id   1
_entity_poly.type   'polypeptide(L)'
_entity_poly.pdbx_seq_one_letter_code
;GAPATVTEQGEDITSKKDRGVLKIVKRVGNGEETPMIGDKVYVHYKGKLSNGKKFDSSHDRNEPFVFSLGKGQVIKAWDI
GVATMKKGEIAHLLIKPEYAYGSAGSLPKIPSNATLFFEIELLDFKGE
;
_entity_poly.pdbx_strand_id   B,A
#
loop_
_chem_comp.id
_chem_comp.type
_chem_comp.name
_chem_comp.formula
A1INQ non-polymer 3-cyclohexyl-19,20-dimethoxy-17-methyl-11,18-dioxa-1,17lambda5-diphospha-19lambda5-stannapentacyclo[17.3.1.04,9.04,13.015,20]tricosane-2,10-quinone 'C32 H46 N4 O6'
#
# COMPACT_ATOMS: atom_id res chain seq x y z
N GLY A 1 -21.11 14.30 -7.07
CA GLY A 1 -20.18 15.25 -6.45
C GLY A 1 -18.87 15.28 -7.24
N ALA A 2 -17.83 15.80 -6.60
CA ALA A 2 -16.60 16.06 -7.33
C ALA A 2 -15.97 14.77 -7.86
N PRO A 3 -15.93 13.64 -7.12
CA PRO A 3 -15.39 12.40 -7.69
C PRO A 3 -16.13 11.98 -8.97
N ALA A 4 -17.47 12.04 -8.96
CA ALA A 4 -18.22 11.63 -10.12
C ALA A 4 -17.93 12.57 -11.30
N THR A 5 -17.73 13.87 -11.01
CA THR A 5 -17.46 14.83 -12.08
C THR A 5 -16.11 14.50 -12.74
N VAL A 6 -15.11 14.06 -11.96
CA VAL A 6 -13.84 13.65 -12.52
C VAL A 6 -14.01 12.40 -13.37
N THR A 7 -14.80 11.44 -12.88
CA THR A 7 -15.05 10.25 -13.69
C THR A 7 -15.61 10.63 -15.06
N GLU A 8 -16.59 11.53 -15.07
CA GLU A 8 -17.29 11.91 -16.28
C GLU A 8 -16.45 12.81 -17.20
N GLN A 9 -15.65 13.74 -16.64
CA GLN A 9 -15.12 14.83 -17.44
C GLN A 9 -13.58 14.89 -17.36
N GLY A 10 -12.96 14.08 -16.48
CA GLY A 10 -11.51 14.22 -16.30
C GLY A 10 -10.69 13.69 -17.47
N GLU A 11 -9.52 14.27 -17.61
CA GLU A 11 -8.51 13.83 -18.54
C GLU A 11 -7.73 12.65 -17.98
N ASP A 12 -7.48 11.66 -18.80
CA ASP A 12 -6.64 10.53 -18.48
C ASP A 12 -5.20 10.92 -18.69
N ILE A 13 -4.45 11.08 -17.61
CA ILE A 13 -3.06 11.52 -17.67
C ILE A 13 -2.08 10.36 -17.51
N THR A 14 -2.56 9.12 -17.60
CA THR A 14 -1.67 7.97 -17.54
C THR A 14 -1.00 7.76 -18.88
N SER A 15 0.23 7.24 -18.85
CA SER A 15 0.92 6.85 -20.07
C SER A 15 0.23 5.70 -20.78
N LYS A 16 -0.26 4.73 -19.99
CA LYS A 16 -0.93 3.55 -20.54
C LYS A 16 -2.34 3.84 -21.01
N LYS A 17 -2.90 5.00 -20.66
CA LYS A 17 -4.29 5.34 -20.99
C LYS A 17 -5.26 4.28 -20.46
N ASP A 18 -5.11 3.99 -19.17
CA ASP A 18 -5.95 3.02 -18.48
C ASP A 18 -6.91 3.69 -17.51
N ARG A 19 -7.07 4.99 -17.60
CA ARG A 19 -7.96 5.77 -16.74
C ARG A 19 -7.60 5.67 -15.25
N GLY A 20 -6.32 5.34 -14.99
CA GLY A 20 -5.89 5.12 -13.63
C GLY A 20 -5.72 6.39 -12.81
N VAL A 21 -5.51 7.52 -13.50
CA VAL A 21 -5.36 8.84 -12.92
C VAL A 21 -6.10 9.82 -13.82
N LEU A 22 -7.21 10.37 -13.31
CA LEU A 22 -8.05 11.30 -14.06
C LEU A 22 -7.95 12.65 -13.40
N LYS A 23 -7.88 13.71 -14.20
CA LYS A 23 -7.58 15.06 -13.72
C LYS A 23 -8.57 16.08 -14.28
N ILE A 24 -9.01 17.02 -13.43
CA ILE A 24 -9.66 18.26 -13.87
C ILE A 24 -8.90 19.42 -13.24
N VAL A 25 -8.55 20.41 -14.07
CA VAL A 25 -8.02 21.67 -13.55
C VAL A 25 -9.22 22.49 -13.08
N LYS A 26 -9.21 22.89 -11.80
CA LYS A 26 -10.28 23.67 -11.21
C LYS A 26 -9.92 25.15 -11.16
N ARG A 27 -8.64 25.48 -10.98
CA ARG A 27 -8.15 26.86 -11.03
C ARG A 27 -6.84 26.84 -11.80
N VAL A 28 -6.72 27.65 -12.85
CA VAL A 28 -5.51 27.71 -13.65
C VAL A 28 -4.39 28.41 -12.87
N GLY A 29 -3.17 27.85 -12.97
CA GLY A 29 -1.94 28.40 -12.40
C GLY A 29 -1.17 29.31 -13.36
N ASN A 30 0.14 29.59 -13.13
CA ASN A 30 0.97 30.43 -13.99
C ASN A 30 2.31 29.74 -14.35
N GLY A 31 3.01 30.24 -15.37
CA GLY A 31 4.35 29.76 -15.65
C GLY A 31 4.40 28.64 -16.68
N GLU A 32 5.53 28.58 -17.41
CA GLU A 32 5.78 27.52 -18.39
C GLU A 32 6.26 26.25 -17.68
N GLU A 33 6.81 26.41 -16.47
CA GLU A 33 7.47 25.30 -15.81
C GLU A 33 6.43 24.47 -15.05
N THR A 34 6.56 23.15 -15.16
CA THR A 34 5.90 22.22 -14.25
C THR A 34 6.98 21.48 -13.48
N PRO A 35 6.67 20.86 -12.33
CA PRO A 35 7.72 20.15 -11.61
C PRO A 35 8.26 18.91 -12.34
N MET A 36 9.51 18.57 -12.03
CA MET A 36 10.17 17.41 -12.61
C MET A 36 10.83 16.60 -11.53
N ILE A 37 11.15 15.34 -11.91
CA ILE A 37 11.60 14.36 -10.94
C ILE A 37 12.76 14.98 -10.17
N GLY A 38 12.68 14.97 -8.84
CA GLY A 38 13.72 15.51 -8.01
C GLY A 38 13.33 16.78 -7.24
N ASP A 39 12.42 17.58 -7.78
CA ASP A 39 12.06 18.86 -7.19
C ASP A 39 11.41 18.69 -5.81
N LYS A 40 11.62 19.65 -4.91
CA LYS A 40 10.92 19.72 -3.65
C LYS A 40 9.62 20.49 -3.93
N VAL A 41 8.49 19.85 -3.63
CA VAL A 41 7.18 20.36 -3.99
C VAL A 41 6.42 20.66 -2.71
N TYR A 42 5.73 21.81 -2.74
CA TYR A 42 4.92 22.30 -1.64
C TYR A 42 3.48 22.33 -2.15
N VAL A 43 2.59 21.64 -1.42
CA VAL A 43 1.17 21.67 -1.75
C VAL A 43 0.32 21.84 -0.51
N HIS A 44 -0.92 22.27 -0.78
CA HIS A 44 -2.04 21.99 0.11
C HIS A 44 -2.95 21.00 -0.59
N TYR A 45 -3.60 20.13 0.19
CA TYR A 45 -4.45 19.12 -0.39
C TYR A 45 -5.56 18.75 0.58
N LYS A 46 -6.65 18.31 -0.02
CA LYS A 46 -7.73 17.62 0.67
C LYS A 46 -7.89 16.29 -0.05
N GLY A 47 -7.86 15.19 0.67
CA GLY A 47 -7.96 13.87 0.09
C GLY A 47 -9.01 13.07 0.81
N LYS A 48 -9.57 12.09 0.13
CA LYS A 48 -10.54 11.20 0.73
C LYS A 48 -10.62 9.93 -0.10
N LEU A 49 -11.09 8.86 0.54
CA LEU A 49 -11.61 7.71 -0.18
C LEU A 49 -12.76 8.19 -1.04
N SER A 50 -12.84 7.72 -2.27
CA SER A 50 -13.77 8.34 -3.21
C SER A 50 -15.20 8.17 -2.73
N ASN A 51 -15.49 7.17 -1.89
CA ASN A 51 -16.82 6.99 -1.32
C ASN A 51 -17.04 7.82 -0.06
N GLY A 52 -16.23 8.84 0.21
CA GLY A 52 -16.52 9.82 1.26
C GLY A 52 -16.25 9.28 2.67
N LYS A 53 -15.69 8.06 2.81
CA LYS A 53 -15.75 7.35 4.10
C LYS A 53 -14.64 7.82 5.06
N LYS A 54 -13.54 8.40 4.54
CA LYS A 54 -12.41 8.89 5.34
C LYS A 54 -11.79 10.07 4.61
N PHE A 55 -11.29 11.07 5.35
N PHE A 55 -11.31 11.09 5.35
CA PHE A 55 -10.80 12.34 4.82
CA PHE A 55 -10.84 12.36 4.80
C PHE A 55 -9.46 12.68 5.47
C PHE A 55 -9.51 12.74 5.48
N ASP A 56 -8.69 13.53 4.77
CA ASP A 56 -7.40 13.99 5.28
C ASP A 56 -7.02 15.26 4.52
N SER A 57 -6.63 16.30 5.24
CA SER A 57 -6.17 17.53 4.61
C SER A 57 -4.90 18.00 5.28
N SER A 58 -4.00 18.55 4.47
CA SER A 58 -2.85 19.27 4.99
C SER A 58 -3.26 20.38 5.98
N HIS A 59 -4.44 20.99 5.78
CA HIS A 59 -4.86 22.09 6.65
C HIS A 59 -5.14 21.56 8.05
N ASP A 60 -5.41 20.25 8.18
CA ASP A 60 -5.62 19.65 9.49
C ASP A 60 -4.36 19.78 10.35
N ARG A 61 -3.18 19.85 9.70
CA ARG A 61 -1.91 19.92 10.38
C ARG A 61 -1.32 21.32 10.33
N ASN A 62 -2.09 22.26 9.74
CA ASN A 62 -1.76 23.68 9.73
C ASN A 62 -0.41 23.89 9.04
N GLU A 63 -0.07 23.07 8.06
CA GLU A 63 1.18 23.27 7.34
C GLU A 63 1.06 22.65 5.94
N PRO A 64 1.79 23.20 4.95
CA PRO A 64 1.86 22.56 3.64
C PRO A 64 2.45 21.16 3.74
N PHE A 65 2.05 20.32 2.80
CA PHE A 65 2.65 19.01 2.63
C PHE A 65 3.77 19.12 1.61
N VAL A 66 4.92 18.56 1.99
CA VAL A 66 6.14 18.74 1.23
C VAL A 66 6.71 17.38 0.87
N PHE A 67 7.10 17.22 -0.40
CA PHE A 67 7.67 15.95 -0.84
C PHE A 67 8.58 16.22 -2.04
N SER A 68 9.45 15.25 -2.32
CA SER A 68 10.29 15.28 -3.52
C SER A 68 9.63 14.49 -4.64
N LEU A 69 9.44 15.14 -5.79
CA LEU A 69 8.69 14.62 -6.92
C LEU A 69 9.43 13.48 -7.59
N GLY A 70 8.70 12.43 -7.96
CA GLY A 70 9.23 11.34 -8.77
C GLY A 70 10.18 10.42 -8.00
N LYS A 71 10.14 10.50 -6.67
CA LYS A 71 11.02 9.76 -5.78
C LYS A 71 10.23 8.67 -5.05
N GLY A 72 8.93 8.49 -5.36
CA GLY A 72 8.12 7.47 -4.70
C GLY A 72 7.95 7.71 -3.20
N GLN A 73 7.99 8.98 -2.76
CA GLN A 73 7.67 9.37 -1.38
C GLN A 73 6.16 9.46 -1.18
N VAL A 74 5.45 9.45 -2.29
CA VAL A 74 4.01 9.54 -2.38
C VAL A 74 3.57 8.46 -3.35
N ILE A 75 2.26 8.23 -3.38
CA ILE A 75 1.69 7.32 -4.34
C ILE A 75 2.01 7.72 -5.78
N LYS A 76 2.04 6.71 -6.66
CA LYS A 76 2.35 6.93 -8.08
C LYS A 76 1.52 8.06 -8.70
N ALA A 77 0.22 8.07 -8.39
CA ALA A 77 -0.68 9.04 -8.96
C ALA A 77 -0.26 10.47 -8.67
N TRP A 78 0.37 10.73 -7.51
CA TRP A 78 0.84 12.07 -7.21
C TRP A 78 2.09 12.42 -8.01
N ASP A 79 3.01 11.47 -8.18
CA ASP A 79 4.18 11.74 -9.00
C ASP A 79 3.74 12.06 -10.43
N ILE A 80 2.78 11.28 -10.98
CA ILE A 80 2.25 11.56 -12.31
C ILE A 80 1.48 12.88 -12.35
N GLY A 81 0.58 13.06 -11.39
CA GLY A 81 -0.35 14.18 -11.45
C GLY A 81 0.30 15.52 -11.16
N VAL A 82 1.13 15.61 -10.10
CA VAL A 82 1.70 16.89 -9.74
C VAL A 82 2.67 17.34 -10.84
N ALA A 83 3.31 16.40 -11.55
CA ALA A 83 4.19 16.73 -12.66
C ALA A 83 3.45 17.49 -13.79
N THR A 84 2.11 17.40 -13.85
CA THR A 84 1.32 18.11 -14.84
C THR A 84 0.88 19.50 -14.41
N MET A 85 1.15 19.92 -13.17
CA MET A 85 0.53 21.11 -12.59
C MET A 85 1.45 22.33 -12.66
N LYS A 86 0.83 23.50 -12.81
CA LYS A 86 1.51 24.79 -12.78
C LYS A 86 1.42 25.37 -11.35
N LYS A 87 2.36 26.25 -10.99
CA LYS A 87 2.28 26.97 -9.74
C LYS A 87 0.98 27.74 -9.67
N GLY A 88 0.26 27.61 -8.54
CA GLY A 88 -1.03 28.27 -8.34
C GLY A 88 -2.23 27.46 -8.78
N GLU A 89 -1.99 26.34 -9.48
CA GLU A 89 -3.08 25.54 -10.01
C GLU A 89 -3.76 24.78 -8.87
N ILE A 90 -5.08 24.65 -8.99
CA ILE A 90 -5.84 23.71 -8.19
C ILE A 90 -6.37 22.65 -9.14
N ALA A 91 -6.14 21.39 -8.80
CA ALA A 91 -6.58 20.28 -9.61
C ALA A 91 -7.29 19.24 -8.77
N HIS A 92 -8.22 18.55 -9.42
CA HIS A 92 -8.85 17.37 -8.86
C HIS A 92 -8.30 16.12 -9.54
N LEU A 93 -7.93 15.14 -8.72
CA LEU A 93 -7.49 13.82 -9.20
C LEU A 93 -8.41 12.73 -8.66
N LEU A 94 -8.74 11.79 -9.54
CA LEU A 94 -9.43 10.56 -9.15
C LEU A 94 -8.56 9.40 -9.58
N ILE A 95 -8.27 8.51 -8.62
CA ILE A 95 -7.15 7.59 -8.74
C ILE A 95 -7.58 6.15 -8.47
N LYS A 96 -7.35 5.25 -9.44
CA LYS A 96 -7.60 3.83 -9.25
C LYS A 96 -6.54 3.21 -8.35
N PRO A 97 -6.84 2.06 -7.71
CA PRO A 97 -5.92 1.48 -6.74
C PRO A 97 -4.54 1.17 -7.30
N GLU A 98 -4.43 0.84 -8.59
CA GLU A 98 -3.14 0.52 -9.18
C GLU A 98 -2.15 1.67 -9.11
N TYR A 99 -2.66 2.91 -8.98
CA TYR A 99 -1.80 4.09 -8.89
C TYR A 99 -1.80 4.68 -7.47
N ALA A 100 -2.31 3.88 -6.52
CA ALA A 100 -2.40 4.31 -5.13
C ALA A 100 -1.91 3.14 -4.26
N TYR A 101 -2.78 2.47 -3.50
CA TYR A 101 -2.32 1.45 -2.54
C TYR A 101 -2.66 0.03 -2.95
N GLY A 102 -3.25 -0.18 -4.13
CA GLY A 102 -3.33 -1.50 -4.70
C GLY A 102 -4.23 -2.45 -3.93
N SER A 103 -4.03 -3.73 -4.20
CA SER A 103 -4.83 -4.77 -3.55
C SER A 103 -4.44 -4.93 -2.09
N ALA A 104 -3.18 -4.62 -1.73
CA ALA A 104 -2.80 -4.73 -0.33
C ALA A 104 -3.52 -3.70 0.53
N GLY A 105 -3.79 -2.52 -0.05
CA GLY A 105 -4.25 -1.42 0.77
C GLY A 105 -3.15 -0.91 1.70
N SER A 106 -3.57 -0.06 2.63
CA SER A 106 -2.67 0.48 3.63
C SER A 106 -3.50 0.77 4.88
N LEU A 107 -3.88 -0.31 5.58
CA LEU A 107 -4.76 -0.18 6.74
C LEU A 107 -4.01 0.49 7.89
N PRO A 108 -4.71 1.19 8.80
CA PRO A 108 -6.17 1.29 8.80
C PRO A 108 -6.78 2.35 7.88
N LYS A 109 -5.98 3.28 7.34
CA LYS A 109 -6.58 4.39 6.61
C LYS A 109 -7.13 3.95 5.25
N ILE A 110 -6.45 3.05 4.54
CA ILE A 110 -6.80 2.74 3.18
C ILE A 110 -7.14 1.27 3.03
N PRO A 111 -8.37 0.90 2.65
CA PRO A 111 -8.69 -0.51 2.40
C PRO A 111 -8.11 -1.01 1.10
N SER A 112 -8.21 -2.33 0.89
CA SER A 112 -7.83 -2.95 -0.36
C SER A 112 -8.62 -2.35 -1.52
N ASN A 113 -7.94 -2.19 -2.65
CA ASN A 113 -8.61 -1.82 -3.89
C ASN A 113 -9.42 -0.52 -3.78
N ALA A 114 -8.87 0.46 -3.10
CA ALA A 114 -9.52 1.75 -2.89
C ALA A 114 -9.23 2.71 -4.05
N THR A 115 -10.29 3.40 -4.45
CA THR A 115 -10.19 4.59 -5.30
C THR A 115 -10.11 5.83 -4.41
N LEU A 116 -9.19 6.74 -4.77
CA LEU A 116 -8.93 7.94 -3.99
C LEU A 116 -9.28 9.19 -4.78
N PHE A 117 -9.68 10.24 -4.07
CA PHE A 117 -9.92 11.56 -4.64
C PHE A 117 -9.08 12.58 -3.91
N PHE A 118 -8.44 13.48 -4.66
CA PHE A 118 -7.70 14.58 -4.05
C PHE A 118 -8.04 15.89 -4.75
N GLU A 119 -8.10 16.96 -3.98
CA GLU A 119 -7.93 18.31 -4.49
C GLU A 119 -6.55 18.77 -4.07
N ILE A 120 -5.74 19.22 -5.02
CA ILE A 120 -4.36 19.63 -4.78
C ILE A 120 -4.19 21.06 -5.26
N GLU A 121 -3.60 21.90 -4.39
CA GLU A 121 -3.10 23.19 -4.82
C GLU A 121 -1.58 23.18 -4.80
N LEU A 122 -0.98 23.43 -5.96
CA LEU A 122 0.47 23.51 -6.04
C LEU A 122 0.93 24.90 -5.60
N LEU A 123 1.58 24.97 -4.44
CA LEU A 123 2.06 26.22 -3.87
C LEU A 123 3.39 26.66 -4.48
N ASP A 124 4.34 25.72 -4.63
CA ASP A 124 5.67 26.06 -5.10
C ASP A 124 6.46 24.80 -5.35
N PHE A 125 7.58 24.91 -6.06
CA PHE A 125 8.49 23.80 -6.29
C PHE A 125 9.86 24.37 -6.62
N LYS A 126 10.89 23.61 -6.25
CA LYS A 126 12.28 24.06 -6.25
C LYS A 126 13.13 22.90 -6.72
N GLY A 127 14.16 23.17 -7.54
CA GLY A 127 15.00 22.11 -8.08
C GLY A 127 15.88 21.50 -7.01
N GLU A 128 16.18 20.19 -7.15
CA GLU A 128 17.21 19.56 -6.32
C GLU A 128 18.52 20.36 -6.45
N GLY B 1 -5.66 -28.29 13.10
CA GLY B 1 -4.42 -28.44 12.33
C GLY B 1 -3.54 -27.20 12.46
N ALA B 2 -2.87 -26.81 11.37
CA ALA B 2 -1.82 -25.83 11.45
C ALA B 2 -2.32 -24.48 11.98
N PRO B 3 -3.47 -23.93 11.52
CA PRO B 3 -3.98 -22.70 12.10
C PRO B 3 -4.22 -22.82 13.60
N ALA B 4 -4.85 -23.91 14.04
CA ALA B 4 -5.09 -24.08 15.46
C ALA B 4 -3.76 -24.17 16.22
N THR B 5 -2.69 -24.67 15.55
CA THR B 5 -1.43 -24.90 16.30
C THR B 5 -0.83 -23.54 16.56
N VAL B 6 -1.02 -22.65 15.60
CA VAL B 6 -0.47 -21.32 15.73
C VAL B 6 -1.24 -20.56 16.79
N THR B 7 -2.56 -20.69 16.80
CA THR B 7 -3.32 -20.12 17.91
C THR B 7 -2.75 -20.55 19.27
N GLU B 8 -2.47 -21.85 19.39
CA GLU B 8 -2.09 -22.42 20.67
C GLU B 8 -0.64 -22.09 21.06
N GLN B 9 0.29 -22.19 20.12
CA GLN B 9 1.72 -22.18 20.41
C GLN B 9 2.40 -20.95 19.78
N GLY B 10 1.66 -20.17 18.98
CA GLY B 10 2.28 -19.12 18.20
C GLY B 10 2.70 -17.93 19.06
N GLU B 11 3.84 -17.35 18.67
CA GLU B 11 4.39 -16.14 19.27
C GLU B 11 3.69 -14.91 18.69
N ASP B 12 3.30 -13.98 19.55
CA ASP B 12 2.76 -12.70 19.17
C ASP B 12 3.90 -11.77 18.78
N ILE B 13 4.00 -11.49 17.48
CA ILE B 13 5.09 -10.66 16.98
C ILE B 13 4.63 -9.23 16.69
N THR B 14 3.44 -8.84 17.18
CA THR B 14 2.99 -7.47 17.05
C THR B 14 3.65 -6.59 18.11
N SER B 15 3.86 -5.32 17.76
CA SER B 15 4.35 -4.33 18.72
C SER B 15 3.33 -4.08 19.83
N LYS B 16 2.04 -4.05 19.47
CA LYS B 16 1.00 -3.75 20.44
C LYS B 16 0.62 -4.96 21.29
N LYS B 17 1.15 -6.15 20.96
N LYS B 17 1.18 -6.15 20.99
CA LYS B 17 0.83 -7.37 21.69
CA LYS B 17 0.85 -7.38 21.69
C LYS B 17 -0.68 -7.60 21.72
C LYS B 17 -0.66 -7.60 21.71
N ASP B 18 -1.28 -7.49 20.52
CA ASP B 18 -2.72 -7.66 20.37
C ASP B 18 -3.04 -8.99 19.68
N ARG B 19 -2.05 -9.89 19.61
CA ARG B 19 -2.18 -11.21 19.02
C ARG B 19 -2.64 -11.13 17.56
N GLY B 20 -2.36 -9.99 16.91
CA GLY B 20 -2.87 -9.77 15.57
C GLY B 20 -2.09 -10.56 14.52
N VAL B 21 -0.85 -10.90 14.84
CA VAL B 21 0.02 -11.67 13.98
C VAL B 21 0.76 -12.66 14.87
N LEU B 22 0.47 -13.95 14.66
CA LEU B 22 1.02 -15.02 15.49
C LEU B 22 1.88 -15.89 14.59
N LYS B 23 3.03 -16.32 15.10
CA LYS B 23 4.06 -16.96 14.29
C LYS B 23 4.57 -18.24 14.96
N ILE B 24 4.73 -19.29 14.14
CA ILE B 24 5.50 -20.47 14.49
C ILE B 24 6.59 -20.67 13.46
N VAL B 25 7.83 -20.84 13.93
CA VAL B 25 8.91 -21.22 13.05
C VAL B 25 8.81 -22.74 12.85
N LYS B 26 8.70 -23.13 11.58
CA LYS B 26 8.66 -24.54 11.23
C LYS B 26 10.03 -25.10 10.82
N ARG B 27 10.88 -24.28 10.18
CA ARG B 27 12.24 -24.66 9.85
C ARG B 27 13.12 -23.46 10.15
N VAL B 28 14.11 -23.64 11.02
CA VAL B 28 15.03 -22.56 11.35
C VAL B 28 15.90 -22.23 10.13
N GLY B 29 16.12 -20.94 9.85
CA GLY B 29 16.94 -20.47 8.73
C GLY B 29 18.42 -20.28 9.10
N ASN B 30 19.17 -19.59 8.24
CA ASN B 30 20.60 -19.58 8.27
C ASN B 30 21.01 -18.30 8.99
N GLY B 31 21.85 -18.45 10.03
CA GLY B 31 22.54 -17.32 10.61
C GLY B 31 21.62 -16.42 11.42
N GLU B 32 21.92 -15.11 11.41
CA GLU B 32 21.23 -14.14 12.22
C GLU B 32 20.51 -13.09 11.39
N GLU B 33 20.93 -12.77 10.16
CA GLU B 33 20.40 -11.59 9.50
C GLU B 33 18.95 -11.80 9.06
N THR B 34 18.16 -10.74 9.25
CA THR B 34 16.79 -10.65 8.78
C THR B 34 16.64 -9.38 7.95
N PRO B 35 15.67 -9.32 7.02
CA PRO B 35 15.64 -8.25 6.04
C PRO B 35 15.27 -6.88 6.59
N MET B 36 15.83 -5.88 5.93
CA MET B 36 15.57 -4.50 6.29
C MET B 36 14.48 -3.92 5.40
N ILE B 37 13.82 -2.90 5.93
CA ILE B 37 12.87 -2.18 5.08
C ILE B 37 13.59 -1.71 3.83
N GLY B 38 12.94 -1.96 2.71
CA GLY B 38 13.45 -1.63 1.38
C GLY B 38 14.12 -2.80 0.66
N ASP B 39 14.47 -3.84 1.42
CA ASP B 39 15.09 -5.03 0.81
C ASP B 39 14.12 -5.71 -0.15
N LYS B 40 14.68 -6.29 -1.23
CA LYS B 40 13.91 -7.12 -2.13
C LYS B 40 13.89 -8.53 -1.54
N VAL B 41 12.69 -9.05 -1.31
CA VAL B 41 12.51 -10.34 -0.66
C VAL B 41 11.91 -11.33 -1.64
N TYR B 42 12.39 -12.57 -1.57
CA TYR B 42 11.95 -13.68 -2.40
C TYR B 42 11.39 -14.75 -1.47
N VAL B 43 10.16 -15.18 -1.74
CA VAL B 43 9.53 -16.19 -0.92
C VAL B 43 8.81 -17.22 -1.80
N HIS B 44 8.60 -18.38 -1.18
CA HIS B 44 7.49 -19.25 -1.54
C HIS B 44 6.44 -19.18 -0.44
N TYR B 45 5.14 -19.32 -0.78
CA TYR B 45 4.10 -19.24 0.22
C TYR B 45 2.85 -20.01 -0.23
N LYS B 46 2.07 -20.40 0.78
CA LYS B 46 0.71 -20.81 0.63
C LYS B 46 -0.13 -20.01 1.60
N GLY B 47 -1.29 -19.61 1.14
CA GLY B 47 -2.19 -18.85 1.95
C GLY B 47 -3.61 -19.38 1.79
N LYS B 48 -4.37 -19.15 2.84
CA LYS B 48 -5.76 -19.56 2.83
C LYS B 48 -6.53 -18.70 3.82
N LEU B 49 -7.83 -18.58 3.55
CA LEU B 49 -8.73 -18.09 4.57
C LEU B 49 -8.74 -19.14 5.66
N SER B 50 -8.86 -18.71 6.92
CA SER B 50 -8.98 -19.65 8.02
C SER B 50 -10.11 -20.68 7.80
N ASN B 51 -11.15 -20.26 7.05
CA ASN B 51 -12.30 -21.07 6.67
C ASN B 51 -11.97 -22.09 5.57
N GLY B 52 -10.93 -21.84 4.76
CA GLY B 52 -10.53 -22.74 3.70
C GLY B 52 -11.35 -22.56 2.42
N LYS B 53 -12.06 -21.43 2.29
CA LYS B 53 -12.89 -21.18 1.11
C LYS B 53 -12.05 -20.69 -0.10
N LYS B 54 -10.82 -20.26 0.14
CA LYS B 54 -9.94 -19.74 -0.88
C LYS B 54 -8.51 -20.11 -0.46
N PHE B 55 -7.72 -20.53 -1.45
CA PHE B 55 -6.37 -21.05 -1.31
C PHE B 55 -5.56 -20.38 -2.39
N ASP B 56 -4.31 -20.06 -2.10
CA ASP B 56 -3.40 -19.42 -3.04
C ASP B 56 -2.02 -19.97 -2.70
N SER B 57 -1.20 -20.19 -3.71
CA SER B 57 0.14 -20.68 -3.51
C SER B 57 1.05 -20.17 -4.62
N SER B 58 2.25 -19.73 -4.24
CA SER B 58 3.27 -19.43 -5.23
C SER B 58 3.68 -20.74 -5.90
N HIS B 59 3.53 -21.88 -5.21
CA HIS B 59 3.91 -23.17 -5.77
C HIS B 59 3.00 -23.51 -6.92
N ASP B 60 1.76 -22.95 -6.92
CA ASP B 60 0.83 -23.13 -8.04
C ASP B 60 1.48 -22.66 -9.34
N ARG B 61 2.27 -21.59 -9.23
CA ARG B 61 2.85 -20.87 -10.33
C ARG B 61 4.31 -21.25 -10.52
N ASN B 62 4.83 -22.11 -9.62
CA ASN B 62 6.17 -22.64 -9.63
C ASN B 62 7.23 -21.55 -9.79
N GLU B 63 6.99 -20.38 -9.18
CA GLU B 63 7.95 -19.27 -9.20
C GLU B 63 7.86 -18.53 -7.89
N PRO B 64 8.97 -17.97 -7.38
CA PRO B 64 8.91 -17.23 -6.14
C PRO B 64 8.07 -15.96 -6.27
N PHE B 65 7.49 -15.53 -5.16
CA PHE B 65 6.85 -14.23 -5.06
C PHE B 65 7.87 -13.25 -4.49
N VAL B 66 7.93 -12.08 -5.12
CA VAL B 66 8.97 -11.10 -4.87
C VAL B 66 8.31 -9.78 -4.50
N PHE B 67 8.81 -9.16 -3.41
CA PHE B 67 8.30 -7.86 -3.04
C PHE B 67 9.35 -7.10 -2.25
N SER B 68 9.14 -5.78 -2.12
CA SER B 68 10.01 -4.93 -1.35
C SER B 68 9.45 -4.79 0.05
N LEU B 69 10.28 -5.11 1.06
CA LEU B 69 9.80 -5.14 2.44
C LEU B 69 9.49 -3.74 2.97
N GLY B 70 8.35 -3.64 3.67
CA GLY B 70 8.07 -2.48 4.48
C GLY B 70 7.54 -1.30 3.70
N LYS B 71 7.08 -1.54 2.45
CA LYS B 71 6.48 -0.52 1.65
C LYS B 71 4.95 -0.64 1.56
N GLY B 72 4.29 -1.55 2.30
CA GLY B 72 2.86 -1.72 2.10
C GLY B 72 2.51 -2.33 0.73
N GLN B 73 3.47 -3.04 0.08
CA GLN B 73 3.22 -3.78 -1.15
C GLN B 73 2.43 -5.06 -0.88
N VAL B 74 2.36 -5.41 0.40
CA VAL B 74 1.66 -6.58 0.93
C VAL B 74 0.89 -6.15 2.16
N ILE B 75 0.04 -7.03 2.67
CA ILE B 75 -0.66 -6.75 3.90
C ILE B 75 0.32 -6.54 5.06
N LYS B 76 -0.12 -5.78 6.08
CA LYS B 76 0.76 -5.38 7.18
C LYS B 76 1.39 -6.62 7.83
N ALA B 77 0.60 -7.68 8.01
CA ALA B 77 1.11 -8.89 8.65
C ALA B 77 2.33 -9.46 7.95
N TRP B 78 2.42 -9.32 6.62
CA TRP B 78 3.59 -9.78 5.90
C TRP B 78 4.79 -8.86 6.12
N ASP B 79 4.59 -7.53 6.13
CA ASP B 79 5.68 -6.63 6.40
C ASP B 79 6.23 -6.92 7.80
N ILE B 80 5.34 -7.15 8.78
CA ILE B 80 5.79 -7.48 10.15
C ILE B 80 6.47 -8.85 10.16
N GLY B 81 5.79 -9.84 9.59
CA GLY B 81 6.22 -11.22 9.75
C GLY B 81 7.47 -11.59 8.99
N VAL B 82 7.54 -11.19 7.71
CA VAL B 82 8.69 -11.52 6.91
C VAL B 82 9.94 -10.84 7.46
N ALA B 83 9.78 -9.66 8.09
CA ALA B 83 10.89 -8.95 8.68
C ALA B 83 11.54 -9.73 9.83
N THR B 84 10.82 -10.70 10.41
CA THR B 84 11.37 -11.48 11.51
C THR B 84 12.11 -12.73 11.02
N MET B 85 12.13 -12.99 9.72
CA MET B 85 12.55 -14.27 9.19
C MET B 85 14.00 -14.22 8.72
N LYS B 86 14.68 -15.36 8.89
CA LYS B 86 16.01 -15.57 8.36
C LYS B 86 15.94 -16.28 7.01
N LYS B 87 17.03 -16.17 6.26
CA LYS B 87 17.17 -16.86 4.98
C LYS B 87 17.03 -18.37 5.21
N GLY B 88 16.14 -19.02 4.45
CA GLY B 88 15.94 -20.45 4.58
C GLY B 88 14.88 -20.84 5.61
N GLU B 89 14.37 -19.85 6.37
CA GLU B 89 13.37 -20.12 7.39
C GLU B 89 12.02 -20.41 6.72
N ILE B 90 11.26 -21.32 7.33
CA ILE B 90 9.86 -21.51 6.99
C ILE B 90 9.06 -21.21 8.25
N ALA B 91 8.01 -20.40 8.10
CA ALA B 91 7.17 -20.00 9.20
C ALA B 91 5.70 -20.14 8.83
N HIS B 92 4.89 -20.31 9.86
CA HIS B 92 3.44 -20.22 9.79
C HIS B 92 3.01 -18.91 10.46
N LEU B 93 2.12 -18.18 9.79
CA LEU B 93 1.52 -16.96 10.33
C LEU B 93 -0.01 -17.15 10.37
N LEU B 94 -0.61 -16.75 11.47
CA LEU B 94 -2.04 -16.63 11.62
C LEU B 94 -2.33 -15.16 11.92
N ILE B 95 -3.25 -14.58 11.13
CA ILE B 95 -3.38 -13.15 11.04
C ILE B 95 -4.83 -12.72 11.23
N LYS B 96 -5.04 -11.87 12.23
CA LYS B 96 -6.34 -11.28 12.47
C LYS B 96 -6.66 -10.21 11.41
N PRO B 97 -7.96 -9.91 11.17
CA PRO B 97 -8.32 -9.04 10.05
C PRO B 97 -7.65 -7.66 10.08
N GLU B 98 -7.37 -7.13 11.26
CA GLU B 98 -6.77 -5.81 11.40
C GLU B 98 -5.39 -5.71 10.73
N TYR B 99 -4.72 -6.86 10.55
CA TYR B 99 -3.39 -6.94 9.95
C TYR B 99 -3.43 -7.53 8.53
N ALA B 100 -4.64 -7.74 8.02
CA ALA B 100 -4.89 -8.32 6.70
C ALA B 100 -5.78 -7.36 5.89
N TYR B 101 -7.06 -7.68 5.74
CA TYR B 101 -7.95 -6.90 4.90
C TYR B 101 -9.08 -6.23 5.69
N GLY B 102 -9.14 -6.41 7.00
CA GLY B 102 -9.97 -5.54 7.83
C GLY B 102 -11.45 -5.80 7.67
N SER B 103 -12.23 -4.79 8.10
CA SER B 103 -13.68 -4.89 8.02
C SER B 103 -14.15 -4.74 6.59
N ALA B 104 -13.39 -4.00 5.78
CA ALA B 104 -13.80 -3.84 4.39
C ALA B 104 -13.64 -5.14 3.61
N GLY B 105 -12.63 -5.94 3.95
CA GLY B 105 -12.32 -7.08 3.11
C GLY B 105 -11.72 -6.66 1.76
N SER B 106 -11.72 -7.61 0.84
CA SER B 106 -11.27 -7.38 -0.53
C SER B 106 -12.17 -8.22 -1.43
N LEU B 107 -13.44 -7.82 -1.49
CA LEU B 107 -14.45 -8.66 -2.12
C LEU B 107 -14.36 -8.54 -3.63
N PRO B 108 -14.71 -9.62 -4.37
CA PRO B 108 -15.33 -10.83 -3.82
C PRO B 108 -14.36 -11.87 -3.26
N LYS B 109 -13.07 -11.68 -3.44
CA LYS B 109 -12.12 -12.73 -3.06
C LYS B 109 -12.07 -12.95 -1.54
N ILE B 110 -11.96 -11.86 -0.79
CA ILE B 110 -11.73 -11.95 0.65
C ILE B 110 -12.90 -11.27 1.36
N PRO B 111 -13.64 -11.97 2.23
CA PRO B 111 -14.72 -11.35 2.96
C PRO B 111 -14.28 -10.38 4.03
N SER B 112 -15.27 -9.61 4.53
CA SER B 112 -15.09 -8.77 5.71
C SER B 112 -14.56 -9.62 6.87
N ASN B 113 -13.68 -9.02 7.67
CA ASN B 113 -13.28 -9.58 8.95
C ASN B 113 -12.72 -11.00 8.82
N ALA B 114 -11.92 -11.25 7.80
CA ALA B 114 -11.34 -12.55 7.56
C ALA B 114 -10.03 -12.69 8.34
N THR B 115 -9.87 -13.89 8.91
CA THR B 115 -8.59 -14.36 9.42
C THR B 115 -7.86 -15.15 8.34
N LEU B 116 -6.57 -14.89 8.18
CA LEU B 116 -5.74 -15.51 7.16
C LEU B 116 -4.64 -16.37 7.79
N PHE B 117 -4.28 -17.43 7.06
CA PHE B 117 -3.19 -18.30 7.42
C PHE B 117 -2.20 -18.38 6.25
N PHE B 118 -0.91 -18.24 6.53
CA PHE B 118 0.12 -18.46 5.54
C PHE B 118 1.23 -19.38 6.06
N GLU B 119 1.78 -20.14 5.14
CA GLU B 119 3.07 -20.79 5.28
C GLU B 119 4.03 -20.11 4.31
N ILE B 120 5.15 -19.59 4.83
CA ILE B 120 6.08 -18.77 4.06
C ILE B 120 7.47 -19.37 4.22
N GLU B 121 8.16 -19.54 3.09
CA GLU B 121 9.58 -19.88 3.07
C GLU B 121 10.32 -18.67 2.54
N LEU B 122 11.21 -18.12 3.37
CA LEU B 122 12.05 -17.01 2.94
C LEU B 122 13.24 -17.59 2.18
N LEU B 123 13.25 -17.38 0.86
CA LEU B 123 14.30 -17.96 0.02
C LEU B 123 15.56 -17.10 0.01
N ASP B 124 15.37 -15.78 -0.08
CA ASP B 124 16.51 -14.87 -0.16
C ASP B 124 16.01 -13.45 0.09
N PHE B 125 16.95 -12.55 0.35
CA PHE B 125 16.66 -11.12 0.33
C PHE B 125 17.96 -10.39 -0.01
N LYS B 126 17.82 -9.25 -0.70
CA LYS B 126 18.94 -8.51 -1.25
C LYS B 126 18.65 -7.04 -0.99
N GLY B 127 19.70 -6.25 -0.77
CA GLY B 127 19.55 -4.82 -0.63
C GLY B 127 19.01 -4.20 -1.92
N GLU B 128 18.35 -3.05 -1.74
CA GLU B 128 17.74 -2.32 -2.83
C GLU B 128 18.83 -1.72 -3.75
C4 A1INQ C . -2.45 9.57 3.64
C14 A1INQ C . 3.63 10.98 5.17
C5 A1INQ C . -1.92 10.46 4.56
C6 A1INQ C . -1.02 10.02 5.53
C11 A1INQ C . 0.33 12.74 7.52
C7 A1INQ C . -0.59 8.71 5.53
C8 A1INQ C . -0.13 7.80 7.72
C9 A1INQ C . -0.41 12.28 6.30
C10 A1INQ C . 0.23 12.78 5.01
C12 A1INQ C . 1.57 11.93 7.97
C13 A1INQ C . 2.72 10.63 6.13
N1 A1INQ C . 2.52 11.72 6.88
N2 A1INQ C . 3.95 12.29 5.39
C3 A1INQ C . -2.08 8.24 3.70
N3 A1INQ C . 3.23 12.75 6.38
C1 A1INQ C . -1.34 5.56 3.92
O1 A1INQ C . -0.72 6.51 4.75
C2 A1INQ C . -1.15 7.81 4.64
O2 A1INQ C . 0.34 8.23 6.44
O3 A1INQ C . -0.41 10.85 6.46
C15 A1INQ C . 4.28 10.17 4.09
C16 A1INQ C . 3.50 9.07 3.35
C17 A1INQ C . 2.33 9.68 2.60
C18 A1INQ C . 1.50 8.63 1.89
O4 A1INQ C . 0.38 9.37 1.37
C19 A1INQ C . 0.34 9.59 0.06
O5 A1INQ C . 1.14 9.16 -0.73
C20 A1INQ C . -0.92 10.33 -0.35
C21 A1INQ C . -0.52 11.50 -1.23
C22 A1INQ C . 0.09 12.61 -0.39
C23 A1INQ C . -0.90 13.06 0.67
C24 A1INQ C . -1.30 11.90 1.58
N4 A1INQ C . -1.76 10.73 0.77
C25 A1INQ C . -2.67 9.83 1.21
O6 A1INQ C . -2.84 8.77 0.58
C26 A1INQ C . -3.39 10.06 2.54
C27 A1INQ C . -4.80 9.41 2.52
C28 A1INQ C . -5.71 10.08 1.49
C29 A1INQ C . -7.15 9.46 1.54
C30 A1INQ C . -7.73 9.50 2.93
C31 A1INQ C . -6.83 8.86 3.95
C32 A1INQ C . -5.43 9.44 3.91
H5 A1INQ C . -2.17 11.37 4.52
H14 A1INQ C . 0.60 13.67 7.38
H13 A1INQ C . -0.31 12.75 8.27
H7 A1INQ C . 0.62 7.50 8.25
H8 A1INQ C . -0.77 7.09 7.60
H6 A1INQ C . -0.56 8.56 8.17
H9 A1INQ C . -1.35 12.61 6.34
H12 A1INQ C . 1.12 12.42 4.91
H10 A1INQ C . 0.27 13.75 5.03
H11 A1INQ C . -0.31 12.51 4.25
H15 A1INQ C . 1.29 11.05 8.30
H16 A1INQ C . 2.03 12.40 8.70
H17 A1INQ C . 2.31 9.79 6.24
H4 A1INQ C . -2.41 7.64 3.06
H2 A1INQ C . -0.97 4.68 4.10
H3 A1INQ C . -1.18 5.79 2.99
H1 A1INQ C . -2.30 5.56 4.09
H19 A1INQ C . 4.61 10.80 3.42
H18 A1INQ C . 5.07 9.76 4.49
H21 A1INQ C . 4.10 8.62 2.72
H20 A1INQ C . 3.16 8.43 4.01
H23 A1INQ C . 1.77 10.17 3.23
H22 A1INQ C . 2.68 10.32 1.94
H25 A1INQ C . 2.00 8.20 1.18
H24 A1INQ C . 1.19 7.95 2.53
H26 A1INQ C . -1.45 9.71 -0.91
H28 A1INQ C . 0.14 11.20 -1.91
H27 A1INQ C . -1.32 11.84 -1.70
H29 A1INQ C . 0.32 13.37 -0.98
H30 A1INQ C . 0.92 12.29 0.03
H31 A1INQ C . -1.69 13.44 0.23
H32 A1INQ C . -0.49 13.77 1.20
H33 A1INQ C . -2.03 12.19 2.17
H34 A1INQ C . -0.53 11.64 2.13
H35 A1INQ C . -3.51 11.04 2.66
H36 A1INQ C . -4.68 8.46 2.26
H38 A1INQ C . -5.77 11.04 1.68
H37 A1INQ C . -5.35 9.96 0.59
H39 A1INQ C . -7.10 8.53 1.23
H40 A1INQ C . -7.73 9.96 0.93
H41 A1INQ C . -8.59 9.04 2.93
H42 A1INQ C . -7.89 10.43 3.19
H43 A1INQ C . -6.79 7.89 3.77
H44 A1INQ C . -7.21 8.99 4.84
H46 A1INQ C . -5.47 10.37 4.22
H45 A1INQ C . -4.86 8.95 4.53
C4 A1INQ D . -3.92 -12.75 -2.40
C14 A1INQ D . 0.06 -10.35 -5.55
C5 A1INQ D . -3.58 -13.29 -3.62
C6 A1INQ D . -3.91 -12.63 -4.79
C11 A1INQ D . -1.58 -14.30 -6.23
C7 A1INQ D . -4.58 -11.43 -4.74
C8 A1INQ D . -4.23 -9.64 -6.26
C9 A1INQ D . -2.54 -13.33 -6.87
C10 A1INQ D . -3.09 -13.80 -8.19
C12 A1INQ D . -0.22 -13.76 -6.60
C13 A1INQ D . 0.12 -11.67 -5.25
N1 A1INQ D . -0.17 -12.32 -6.38
N2 A1INQ D . -0.35 -10.24 -6.83
C3 A1INQ D . -4.64 -11.58 -2.34
N3 A1INQ D . -0.46 -11.44 -7.36
C1 A1INQ D . -6.22 -9.22 -2.30
O1 A1INQ D . -5.69 -9.75 -3.53
C2 A1INQ D . -4.97 -10.91 -3.50
O2 A1INQ D . -4.96 -10.79 -5.90
O3 A1INQ D . -3.68 -13.13 -6.07
C15 A1INQ D . 0.22 -9.17 -4.69
C16 A1INQ D . -1.10 -9.12 -3.91
C17 A1INQ D . -0.96 -8.21 -2.76
C18 A1INQ D . -2.00 -8.50 -1.74
O4 A1INQ D . -1.81 -9.81 -1.15
C19 A1INQ D . -1.11 -9.83 -0.01
O5 A1INQ D . -0.66 -8.89 0.52
C20 A1INQ D . -1.01 -11.25 0.57
C21 A1INQ D . 0.46 -11.57 0.93
C22 A1INQ D . 1.27 -11.80 -0.30
C23 A1INQ D . 0.70 -12.96 -1.08
C24 A1INQ D . -0.76 -12.71 -1.45
N4 A1INQ D . -1.58 -12.28 -0.30
C25 A1INQ D . -2.90 -12.58 -0.14
O6 A1INQ D . -3.59 -12.05 0.71
C26 A1INQ D . -3.57 -13.52 -1.13
C27 A1INQ D . -4.80 -14.22 -0.51
C28 A1INQ D . -4.37 -15.17 0.62
C29 A1INQ D . -5.55 -15.88 1.24
C30 A1INQ D . -6.34 -16.65 0.21
C31 A1INQ D . -6.74 -15.74 -0.92
C32 A1INQ D . -5.57 -15.04 -1.54
H5 A1INQ D . -3.12 -14.11 -3.67
H14 A1INQ D . -1.70 -14.31 -5.26
H13 A1INQ D . -1.71 -15.20 -6.60
H7 A1INQ D . -4.57 -9.26 -7.08
H8 A1INQ D . -3.29 -9.87 -6.38
H6 A1INQ D . -4.30 -8.96 -5.56
H9 A1INQ D . -2.08 -12.46 -7.00
H12 A1INQ D . -3.59 -14.62 -8.06
H10 A1INQ D . -2.37 -13.96 -8.81
H11 A1INQ D . -3.68 -13.12 -8.55
H15 A1INQ D . -0.03 -13.96 -7.54
H16 A1INQ D . 0.47 -14.19 -6.05
H17 A1INQ D . 0.36 -12.06 -4.42
H4 A1INQ D . -4.86 -11.21 -1.50
H2 A1INQ D . -6.73 -8.42 -2.49
H3 A1INQ D . -5.48 -9.00 -1.70
H1 A1INQ D . -6.79 -9.88 -1.88
H19 A1INQ D . 0.98 -9.27 -4.09
H18 A1INQ D . 0.33 -8.37 -5.22
H21 A1INQ D . -1.81 -8.80 -4.50
H20 A1INQ D . -1.32 -10.02 -3.59
H23 A1INQ D . -0.07 -8.32 -2.35
H22 A1INQ D . -1.05 -7.28 -3.06
H25 A1INQ D . -1.98 -7.80 -1.05
H24 A1INQ D . -2.89 -8.46 -2.17
H26 A1INQ D . -1.53 -11.27 1.42
H28 A1INQ D . 0.84 -10.81 1.45
H27 A1INQ D . 0.49 -12.37 1.51
H29 A1INQ D . 2.20 -12.01 -0.04
H30 A1INQ D . 1.28 -11.00 -0.85
H31 A1INQ D . 0.76 -13.79 -0.55
H32 A1INQ D . 1.22 -13.10 -1.90
H33 A1INQ D . -1.13 -13.54 -1.84
H34 A1INQ D . -0.80 -12.02 -2.16
H35 A1INQ D . -2.91 -14.22 -1.38
H36 A1INQ D . -5.41 -13.53 -0.13
H38 A1INQ D . -3.75 -15.83 0.26
H37 A1INQ D . -3.89 -14.66 1.30
H39 A1INQ D . -6.13 -15.22 1.67
H40 A1INQ D . -5.23 -16.51 1.93
H41 A1INQ D . -7.14 -17.04 0.62
H42 A1INQ D . -5.79 -17.39 -0.15
H43 A1INQ D . -7.38 -15.08 -0.58
H44 A1INQ D . -7.20 -16.27 -1.61
H46 A1INQ D . -4.97 -15.70 -1.94
H45 A1INQ D . -5.89 -14.45 -2.25
#